data_2BJQ
#
_entry.id   2BJQ
#
_cell.length_a   42.604
_cell.length_b   74.202
_cell.length_c   108.309
_cell.angle_alpha   90.00
_cell.angle_beta   90.00
_cell.angle_gamma   90.00
#
_symmetry.space_group_name_H-M   'P 21 21 21'
#
loop_
_entity.id
_entity.type
_entity.pdbx_description
1 polymer MFP2A
2 water water
#
_entity_poly.entity_id   1
_entity_poly.type   'polypeptide(L)'
_entity_poly.pdbx_seq_one_letter_code
;MTTKEFEDTWAYNTIGSPFPDNPVRVKGQQNMYVALWYKFGKPIHGRAWNDNGNVECSFPYNKVELTGARDLGGQIQILT
ATEQDPTEQFKKTGFWYEWRPYKDRVNDQLLQLVRCGQSTPVIMKTKDGKDLLGYIDMSTEVAAVGVSGKSEQVAGGPIQ
DMLVLFRNVKAPPKGIKIYDDTWLDLKYRDPFPAARNPIAAGGRKVKSDDGTEMFQYVALWYEHGQPVFGRAYPDSADKT
LANFGWGGQENAGAEIGSFQMLVVPDPDILGFEYKWIPYKEAKAGGPFKPLHVGECTPCLLKDANGTERLGNLHMGMEKA
TAGLAGKDSAVSGPAVGDFLVLCRN
;
_entity_poly.pdbx_strand_id   A
#
# COMPACT_ATOMS: atom_id res chain seq x y z
N GLU A 5 17.61 -13.71 -19.78
CA GLU A 5 17.56 -13.65 -18.29
C GLU A 5 17.57 -12.19 -17.85
N PHE A 6 16.44 -11.72 -17.33
CA PHE A 6 16.28 -10.32 -17.00
C PHE A 6 16.83 -10.01 -15.59
N GLU A 7 16.90 -8.72 -15.26
CA GLU A 7 17.48 -8.26 -13.99
C GLU A 7 16.52 -7.36 -13.22
N ASP A 8 16.44 -7.60 -11.91
CA ASP A 8 15.69 -6.73 -10.99
C ASP A 8 16.46 -5.47 -10.61
N THR A 9 15.73 -4.37 -10.43
CA THR A 9 16.31 -3.12 -9.94
C THR A 9 16.10 -3.00 -8.42
N TRP A 10 17.21 -3.07 -7.67
CA TRP A 10 17.16 -2.94 -6.22
C TRP A 10 17.67 -1.51 -5.93
N ALA A 11 17.10 -0.88 -4.91
CA ALA A 11 17.50 0.49 -4.53
C ALA A 11 17.77 0.62 -3.02
N TYR A 12 19.02 1.00 -2.67
CA TYR A 12 19.35 1.34 -1.25
C TYR A 12 18.47 2.47 -0.72
N ASN A 13 18.04 2.30 0.52
CA ASN A 13 17.27 3.31 1.21
C ASN A 13 17.64 3.35 2.70
N THR A 14 17.61 4.57 3.25
CA THR A 14 17.81 4.77 4.68
C THR A 14 16.52 4.45 5.42
N ILE A 15 16.61 3.57 6.41
CA ILE A 15 15.45 3.27 7.22
C ILE A 15 14.99 4.56 7.92
N GLY A 16 13.72 4.89 7.82
CA GLY A 16 13.21 6.16 8.41
C GLY A 16 13.06 7.32 7.45
N SER A 17 13.29 7.05 6.16
CA SER A 17 13.07 8.01 5.06
C SER A 17 12.07 7.41 4.04
N PRO A 18 11.43 8.27 3.21
CA PRO A 18 10.46 7.80 2.21
C PRO A 18 10.96 6.72 1.23
N PHE A 19 10.03 5.92 0.72
CA PHE A 19 10.39 4.87 -0.25
C PHE A 19 10.97 5.42 -1.56
N PRO A 20 11.82 4.61 -2.24
CA PRO A 20 12.18 5.00 -3.61
C PRO A 20 10.93 4.85 -4.49
N ASP A 21 10.96 5.43 -5.68
CA ASP A 21 9.81 5.30 -6.60
C ASP A 21 9.47 3.86 -7.00
N ASN A 22 8.15 3.61 -7.14
CA ASN A 22 7.62 2.32 -7.62
C ASN A 22 8.09 1.08 -6.83
N PRO A 23 7.93 1.11 -5.48
CA PRO A 23 8.34 -0.08 -4.70
C PRO A 23 7.41 -1.26 -5.00
N VAL A 24 7.98 -2.47 -5.03
CA VAL A 24 7.18 -3.66 -5.44
C VAL A 24 6.40 -4.18 -4.24
N ARG A 25 5.07 -4.25 -4.42
CA ARG A 25 4.16 -4.66 -3.36
C ARG A 25 4.12 -6.16 -3.18
N VAL A 26 3.83 -6.60 -1.96
CA VAL A 26 3.48 -7.99 -1.70
C VAL A 26 1.99 -8.24 -2.01
N LYS A 27 1.74 -9.31 -2.78
CA LYS A 27 0.39 -9.73 -3.20
C LYS A 27 -0.55 -9.71 -2.03
N GLY A 28 -1.70 -9.05 -2.21
CA GLY A 28 -2.72 -9.07 -1.16
C GLY A 28 -2.44 -8.21 0.06
N GLN A 29 -1.42 -7.35 0.01
CA GLN A 29 -1.08 -6.51 1.16
C GLN A 29 -1.29 -5.02 0.90
N GLN A 30 -1.94 -4.33 1.84
CA GLN A 30 -2.14 -2.89 1.66
C GLN A 30 -0.85 -2.10 1.84
N ASN A 31 0.05 -2.60 2.69
CA ASN A 31 1.19 -1.83 3.18
C ASN A 31 2.38 -2.77 3.47
N MET A 32 2.87 -3.42 2.41
CA MET A 32 4.02 -4.34 2.56
C MET A 32 4.77 -4.45 1.24
N TYR A 33 6.08 -4.34 1.30
CA TYR A 33 6.90 -4.27 0.09
C TYR A 33 8.15 -5.16 0.21
N VAL A 34 8.76 -5.49 -0.93
CA VAL A 34 9.80 -6.53 -0.97
C VAL A 34 11.15 -5.85 -0.63
N ALA A 35 11.90 -6.39 0.34
CA ALA A 35 13.16 -5.74 0.78
C ALA A 35 14.30 -6.73 0.92
N LEU A 36 15.52 -6.21 1.07
CA LEU A 36 16.70 -7.08 1.09
C LEU A 36 17.74 -6.47 2.02
N TRP A 37 18.31 -7.32 2.87
CA TRP A 37 19.33 -6.90 3.87
C TRP A 37 20.54 -7.81 3.67
N TYR A 38 21.75 -7.26 3.89
CA TYR A 38 22.98 -8.09 3.97
C TYR A 38 23.50 -8.09 5.40
N LYS A 39 23.81 -9.29 5.88
CA LYS A 39 24.36 -9.47 7.23
C LYS A 39 25.63 -10.33 7.04
N PHE A 40 26.78 -9.78 7.43
CA PHE A 40 28.09 -10.41 7.15
C PHE A 40 28.24 -10.83 5.67
N GLY A 41 27.82 -9.94 4.77
CA GLY A 41 27.89 -10.16 3.33
C GLY A 41 26.88 -11.16 2.77
N LYS A 42 26.00 -11.69 3.64
CA LYS A 42 25.00 -12.72 3.18
C LYS A 42 23.62 -12.08 2.93
N PRO A 43 22.98 -12.33 1.75
CA PRO A 43 21.66 -11.74 1.48
C PRO A 43 20.51 -12.44 2.20
N ILE A 44 19.62 -11.63 2.77
CA ILE A 44 18.44 -12.07 3.49
C ILE A 44 17.23 -11.23 3.03
N HIS A 45 16.27 -11.81 2.32
CA HIS A 45 15.08 -10.99 1.94
C HIS A 45 14.22 -10.80 3.18
N GLY A 46 13.44 -9.70 3.21
CA GLY A 46 12.50 -9.44 4.27
C GLY A 46 11.45 -8.45 3.77
N ARG A 47 10.86 -7.70 4.68
CA ARG A 47 9.73 -6.82 4.31
C ARG A 47 9.93 -5.40 4.76
N ALA A 48 9.30 -4.47 4.03
CA ALA A 48 9.26 -3.06 4.41
C ALA A 48 7.80 -2.59 4.39
N TRP A 49 7.52 -1.55 5.18
CA TRP A 49 6.18 -0.94 5.21
C TRP A 49 6.32 0.55 5.54
N ASN A 50 5.25 1.28 5.22
CA ASN A 50 5.17 2.71 5.47
C ASN A 50 4.71 2.95 6.91
N ASP A 51 5.49 3.74 7.66
CA ASP A 51 4.97 4.38 8.87
C ASP A 51 5.41 5.84 8.84
N ASN A 52 4.45 6.75 8.97
CA ASN A 52 4.73 8.19 8.90
C ASN A 52 5.37 8.64 7.59
N GLY A 53 5.05 7.92 6.50
CA GLY A 53 5.54 8.21 5.13
C GLY A 53 6.97 7.69 4.86
N ASN A 54 7.50 6.96 5.82
CA ASN A 54 8.90 6.48 5.80
C ASN A 54 9.01 4.95 5.81
N VAL A 55 10.19 4.46 5.40
CA VAL A 55 10.47 3.04 5.37
C VAL A 55 10.74 2.50 6.79
N GLU A 56 9.96 1.49 7.17
CA GLU A 56 10.33 0.63 8.29
C GLU A 56 10.37 -0.79 7.74
N CYS A 57 10.98 -1.71 8.48
CA CYS A 57 11.30 -3.03 7.91
C CYS A 57 11.55 -4.11 8.97
N SER A 58 11.57 -5.37 8.52
CA SER A 58 11.77 -6.52 9.40
C SER A 58 12.43 -7.67 8.67
N PHE A 59 13.42 -8.25 9.33
CA PHE A 59 14.18 -9.38 8.74
C PHE A 59 14.45 -10.37 9.87
N PRO A 60 14.42 -11.68 9.53
CA PRO A 60 14.77 -12.73 10.50
C PRO A 60 16.29 -12.89 10.58
N TYR A 61 16.79 -13.04 11.80
CA TYR A 61 18.21 -13.18 12.03
C TYR A 61 18.46 -14.11 13.22
N ASN A 62 18.91 -15.32 12.91
CA ASN A 62 19.27 -16.35 13.92
C ASN A 62 18.45 -16.33 15.24
N LYS A 63 17.20 -16.75 15.11
CA LYS A 63 16.21 -16.89 16.20
C LYS A 63 15.40 -15.64 16.56
N VAL A 64 15.85 -14.47 16.12
CA VAL A 64 15.17 -13.21 16.45
C VAL A 64 14.66 -12.47 15.21
N GLU A 65 13.84 -11.45 15.44
CA GLU A 65 13.42 -10.52 14.39
C GLU A 65 14.20 -9.24 14.59
N LEU A 66 14.80 -8.73 13.51
CA LEU A 66 15.49 -7.45 13.57
C LEU A 66 14.72 -6.39 12.78
N THR A 67 14.40 -5.27 13.45
CA THR A 67 13.65 -4.15 12.86
C THR A 67 14.40 -2.79 13.03
N GLY A 68 15.29 -2.72 14.01
CA GLY A 68 16.03 -1.50 14.31
C GLY A 68 17.01 -1.00 13.28
N ALA A 69 16.97 0.31 13.04
CA ALA A 69 17.93 0.95 12.17
C ALA A 69 19.39 0.66 12.59
N ARG A 70 19.67 0.63 13.89
CA ARG A 70 21.05 0.40 14.34
C ARG A 70 21.42 -1.07 14.19
N ASP A 71 20.55 -1.96 14.69
CA ASP A 71 20.71 -3.41 14.60
C ASP A 71 20.98 -3.82 13.13
N LEU A 72 20.25 -3.20 12.21
CA LEU A 72 20.37 -3.50 10.77
C LEU A 72 21.55 -2.85 10.08
N GLY A 73 22.21 -1.91 10.75
CA GLY A 73 23.21 -1.05 10.10
C GLY A 73 22.62 0.09 9.27
N GLY A 74 21.32 0.38 9.43
CA GLY A 74 20.74 1.62 8.86
C GLY A 74 20.32 1.64 7.39
N GLN A 75 20.96 0.79 6.58
CA GLN A 75 20.70 0.75 5.10
C GLN A 75 20.15 -0.59 4.60
N ILE A 76 19.05 -0.57 3.84
CA ILE A 76 18.47 -1.80 3.25
C ILE A 76 18.17 -1.49 1.80
N GLN A 77 17.83 -2.51 0.99
CA GLN A 77 17.40 -2.30 -0.38
C GLN A 77 15.91 -2.64 -0.54
N ILE A 78 15.23 -1.85 -1.37
CA ILE A 78 13.83 -2.12 -1.76
C ILE A 78 13.79 -2.47 -3.24
N LEU A 79 13.01 -3.49 -3.57
CA LEU A 79 12.77 -3.89 -4.97
C LEU A 79 11.89 -2.80 -5.63
N THR A 80 12.35 -2.26 -6.76
CA THR A 80 11.55 -1.27 -7.52
C THR A 80 11.25 -1.77 -8.95
N ALA A 81 10.19 -1.22 -9.57
CA ALA A 81 9.88 -1.52 -10.97
C ALA A 81 9.88 -0.27 -11.85
N THR A 82 9.98 -0.43 -13.16
CA THR A 82 9.97 0.77 -14.02
C THR A 82 8.58 1.40 -14.09
N GLU A 83 7.56 0.54 -13.97
CA GLU A 83 6.16 0.97 -13.92
C GLU A 83 5.38 0.09 -12.94
N GLN A 84 4.43 0.72 -12.27
CA GLN A 84 3.59 -0.02 -11.32
C GLN A 84 2.54 -0.89 -12.01
N ASP A 85 1.96 -0.42 -13.11
CA ASP A 85 0.96 -1.21 -13.83
C ASP A 85 1.64 -2.39 -14.52
N PRO A 86 1.16 -3.63 -14.28
CA PRO A 86 1.85 -4.79 -14.87
C PRO A 86 2.00 -4.73 -16.39
N THR A 87 0.97 -4.25 -17.13
CA THR A 87 1.05 -4.24 -18.61
C THR A 87 2.08 -3.21 -19.09
N GLU A 88 2.10 -2.06 -18.44
CA GLU A 88 3.11 -1.03 -18.71
C GLU A 88 4.54 -1.51 -18.41
N GLN A 89 4.72 -2.16 -17.27
CA GLN A 89 6.01 -2.78 -16.89
C GLN A 89 6.46 -3.82 -17.92
N PHE A 90 5.55 -4.71 -18.33
CA PHE A 90 5.86 -5.71 -19.35
C PHE A 90 6.27 -5.10 -20.69
N LYS A 91 5.50 -4.10 -21.15
CA LYS A 91 5.83 -3.36 -22.38
C LYS A 91 7.24 -2.74 -22.32
N LYS A 92 7.57 -2.11 -21.20
CA LYS A 92 8.85 -1.42 -21.05
C LYS A 92 10.06 -2.34 -20.89
N THR A 93 9.86 -3.51 -20.27
CA THR A 93 11.00 -4.33 -19.80
C THR A 93 11.06 -5.78 -20.29
N GLY A 94 9.93 -6.30 -20.80
CA GLY A 94 9.85 -7.71 -21.18
C GLY A 94 9.37 -8.67 -20.11
N PHE A 95 9.12 -8.14 -18.91
CA PHE A 95 8.61 -8.92 -17.79
C PHE A 95 7.69 -8.12 -16.85
N TRP A 96 6.90 -8.85 -16.08
CA TRP A 96 6.10 -8.29 -14.97
C TRP A 96 6.24 -9.16 -13.69
N TYR A 97 5.93 -8.58 -12.54
CA TYR A 97 6.12 -9.28 -11.28
C TYR A 97 4.86 -10.07 -10.88
N GLU A 98 5.02 -11.39 -10.70
CA GLU A 98 3.91 -12.27 -10.26
C GLU A 98 4.32 -13.21 -9.13
N TRP A 99 3.43 -13.41 -8.18
CA TRP A 99 3.64 -14.33 -7.07
C TRP A 99 3.03 -15.67 -7.42
N ARG A 100 3.85 -16.72 -7.36
CA ARG A 100 3.39 -18.11 -7.68
C ARG A 100 4.11 -19.09 -6.75
N PRO A 101 3.53 -20.30 -6.54
CA PRO A 101 4.21 -21.30 -5.69
C PRO A 101 5.66 -21.59 -6.12
N TYR A 102 6.50 -21.81 -5.10
CA TYR A 102 7.94 -22.01 -5.32
C TYR A 102 8.18 -23.14 -6.33
N LYS A 103 7.35 -24.18 -6.25
CA LYS A 103 7.45 -25.34 -7.17
C LYS A 103 7.36 -24.97 -8.65
N ASP A 104 6.66 -23.87 -8.94
CA ASP A 104 6.47 -23.44 -10.33
C ASP A 104 7.76 -22.99 -11.02
N ARG A 105 8.85 -22.87 -10.27
CA ARG A 105 10.11 -22.40 -10.86
C ARG A 105 10.65 -23.33 -11.99
N VAL A 106 10.15 -24.57 -12.07
CA VAL A 106 10.53 -25.46 -13.19
C VAL A 106 10.00 -24.96 -14.56
N ASN A 107 8.95 -24.13 -14.51
CA ASN A 107 8.33 -23.58 -15.72
C ASN A 107 9.14 -22.36 -16.23
N ASP A 108 10.40 -22.61 -16.60
CA ASP A 108 11.36 -21.53 -16.79
C ASP A 108 11.25 -20.79 -18.12
N GLN A 109 10.43 -21.34 -19.03
CA GLN A 109 10.02 -20.62 -20.24
C GLN A 109 9.03 -19.48 -19.94
N LEU A 110 8.40 -19.53 -18.78
CA LEU A 110 7.38 -18.53 -18.39
C LEU A 110 7.84 -17.63 -17.22
N LEU A 111 8.60 -18.21 -16.30
CA LEU A 111 8.92 -17.55 -15.04
C LEU A 111 10.42 -17.59 -14.76
N GLN A 112 10.92 -16.47 -14.25
CA GLN A 112 12.30 -16.37 -13.72
C GLN A 112 12.24 -16.01 -12.24
N LEU A 113 12.81 -16.86 -11.39
CA LEU A 113 12.80 -16.61 -9.95
C LEU A 113 13.59 -15.35 -9.54
N VAL A 114 12.93 -14.49 -8.77
CA VAL A 114 13.62 -13.34 -8.13
C VAL A 114 14.52 -13.85 -7.02
N ARG A 115 15.83 -13.62 -7.18
CA ARG A 115 16.81 -14.08 -6.19
C ARG A 115 18.01 -13.14 -6.08
N CYS A 116 18.62 -13.15 -4.90
CA CYS A 116 19.90 -12.50 -4.68
C CYS A 116 20.79 -13.55 -4.00
N GLY A 117 21.84 -13.97 -4.69
CA GLY A 117 22.57 -15.17 -4.27
C GLY A 117 21.58 -16.30 -4.01
N GLN A 118 21.63 -16.90 -2.83
CA GLN A 118 20.75 -18.03 -2.52
C GLN A 118 19.45 -17.65 -1.82
N SER A 119 19.17 -16.34 -1.71
CA SER A 119 17.96 -15.89 -1.03
C SER A 119 16.88 -15.54 -2.04
N THR A 120 15.64 -15.89 -1.70
CA THR A 120 14.48 -15.52 -2.49
C THR A 120 13.32 -15.09 -1.56
N PRO A 121 12.52 -14.08 -1.95
CA PRO A 121 11.43 -13.67 -1.05
C PRO A 121 10.30 -14.68 -1.03
N VAL A 122 9.69 -14.86 0.13
CA VAL A 122 8.61 -15.82 0.29
C VAL A 122 7.52 -15.30 1.25
N ILE A 123 6.26 -15.46 0.85
CA ILE A 123 5.14 -15.14 1.72
C ILE A 123 4.87 -16.35 2.63
N MET A 124 5.02 -16.14 3.93
CA MET A 124 4.78 -17.15 4.96
C MET A 124 3.54 -16.82 5.80
N LYS A 125 2.69 -17.82 6.06
CA LYS A 125 1.58 -17.64 7.00
C LYS A 125 2.08 -18.07 8.38
N THR A 126 2.18 -17.12 9.31
CA THR A 126 2.75 -17.36 10.65
C THR A 126 1.83 -18.21 11.53
N LYS A 127 2.38 -18.82 12.58
CA LYS A 127 1.60 -19.61 13.55
C LYS A 127 0.38 -18.82 14.03
N ASP A 128 0.58 -17.52 14.12
CA ASP A 128 -0.43 -16.57 14.56
C ASP A 128 -1.48 -16.28 13.47
N GLY A 129 -1.27 -16.79 12.25
CA GLY A 129 -2.24 -16.64 11.15
C GLY A 129 -2.01 -15.51 10.15
N LYS A 130 -0.99 -14.69 10.37
CA LYS A 130 -0.74 -13.54 9.49
C LYS A 130 0.18 -13.89 8.32
N ASP A 131 -0.10 -13.31 7.15
CA ASP A 131 0.78 -13.46 5.98
C ASP A 131 1.87 -12.40 6.10
N LEU A 132 3.12 -12.84 6.17
CA LEU A 132 4.26 -11.93 6.27
C LEU A 132 5.37 -12.33 5.30
N LEU A 133 6.01 -11.34 4.68
CA LEU A 133 7.11 -11.64 3.74
C LEU A 133 8.44 -11.92 4.48
N GLY A 134 9.00 -13.11 4.26
CA GLY A 134 10.38 -13.43 4.71
C GLY A 134 11.21 -13.97 3.54
N TYR A 135 12.02 -15.00 3.80
CA TYR A 135 12.87 -15.52 2.73
C TYR A 135 13.06 -17.04 2.79
N ILE A 136 13.37 -17.62 1.63
CA ILE A 136 13.93 -18.96 1.54
C ILE A 136 15.44 -18.85 1.33
N ASP A 137 16.21 -19.49 2.23
CA ASP A 137 17.62 -19.74 1.99
C ASP A 137 17.60 -20.99 1.10
N MET A 138 17.90 -20.82 -0.19
CA MET A 138 17.86 -21.92 -1.15
C MET A 138 19.04 -22.91 -0.98
N SER A 139 20.09 -22.49 -0.27
CA SER A 139 21.21 -23.40 0.07
C SER A 139 20.77 -24.52 1.00
N THR A 140 19.97 -24.16 2.01
CA THR A 140 19.52 -25.08 3.05
C THR A 140 18.08 -25.53 2.85
N GLU A 141 17.33 -24.84 1.98
CA GLU A 141 15.87 -25.07 1.81
C GLU A 141 15.06 -24.88 3.11
N VAL A 142 15.32 -23.77 3.77
CA VAL A 142 14.60 -23.38 4.99
C VAL A 142 14.02 -22.01 4.70
N ALA A 143 12.73 -21.82 5.01
CA ALA A 143 12.06 -20.50 4.96
C ALA A 143 11.95 -19.94 6.37
N ALA A 144 12.19 -18.63 6.49
CA ALA A 144 12.08 -17.95 7.79
C ALA A 144 11.47 -16.55 7.67
N VAL A 145 10.77 -16.12 8.72
CA VAL A 145 10.23 -14.77 8.81
C VAL A 145 10.24 -14.29 10.27
N GLY A 146 10.37 -12.98 10.48
CA GLY A 146 10.34 -12.40 11.82
C GLY A 146 9.02 -11.72 12.13
N VAL A 147 8.54 -11.93 13.35
CA VAL A 147 7.39 -11.24 13.90
C VAL A 147 7.46 -11.23 15.42
N SER A 148 7.11 -10.09 15.99
CA SER A 148 7.04 -9.91 17.44
C SER A 148 8.32 -10.29 18.15
N GLY A 149 9.45 -9.90 17.55
CA GLY A 149 10.75 -10.15 18.15
C GLY A 149 11.40 -11.49 17.87
N LYS A 150 10.68 -12.40 17.22
CA LYS A 150 11.14 -13.78 17.03
C LYS A 150 11.16 -14.20 15.57
N SER A 151 12.05 -15.11 15.21
CA SER A 151 11.93 -15.76 13.90
C SER A 151 11.06 -17.03 13.98
N GLU A 152 10.35 -17.32 12.88
CA GLU A 152 9.61 -18.58 12.70
C GLU A 152 10.18 -19.22 11.44
N GLN A 153 10.39 -20.53 11.47
CA GLN A 153 10.87 -21.19 10.25
C GLN A 153 10.13 -22.47 9.85
N VAL A 154 10.23 -22.80 8.57
CA VAL A 154 9.64 -24.01 8.02
C VAL A 154 10.67 -24.64 7.09
N ALA A 155 10.87 -25.96 7.19
CA ALA A 155 11.72 -26.66 6.23
C ALA A 155 10.98 -27.81 5.54
N GLY A 156 11.56 -28.32 4.46
CA GLY A 156 11.07 -29.51 3.80
C GLY A 156 10.04 -29.25 2.73
N GLY A 157 9.21 -30.26 2.48
CA GLY A 157 8.18 -30.26 1.44
C GLY A 157 7.26 -29.06 1.38
N PRO A 158 6.75 -28.57 2.55
CA PRO A 158 5.80 -27.45 2.58
C PRO A 158 6.31 -26.16 1.92
N ILE A 159 7.63 -25.94 1.93
CA ILE A 159 8.15 -24.71 1.30
C ILE A 159 7.85 -24.64 -0.21
N GLN A 160 7.73 -25.81 -0.84
CA GLN A 160 7.41 -25.94 -2.28
C GLN A 160 6.07 -25.33 -2.69
N ASP A 161 5.14 -25.24 -1.76
CA ASP A 161 3.82 -24.69 -2.06
C ASP A 161 3.68 -23.21 -1.72
N MET A 162 4.69 -22.65 -1.05
CA MET A 162 4.60 -21.25 -0.62
C MET A 162 4.82 -20.29 -1.78
N LEU A 163 4.14 -19.13 -1.75
CA LEU A 163 4.23 -18.13 -2.81
C LEU A 163 5.56 -17.39 -2.76
N VAL A 164 6.23 -17.31 -3.92
CA VAL A 164 7.48 -16.55 -4.11
C VAL A 164 7.33 -15.64 -5.33
N LEU A 165 8.30 -14.73 -5.53
CA LEU A 165 8.20 -13.73 -6.56
C LEU A 165 8.96 -14.16 -7.79
N PHE A 166 8.29 -14.07 -8.93
CA PHE A 166 8.84 -14.37 -10.23
C PHE A 166 8.76 -13.16 -11.15
N ARG A 167 9.71 -13.05 -12.08
CA ARG A 167 9.52 -12.29 -13.32
C ARG A 167 8.74 -13.19 -14.32
N ASN A 168 7.55 -12.73 -14.73
CA ASN A 168 6.73 -13.42 -15.75
C ASN A 168 7.04 -12.80 -17.11
N VAL A 169 7.52 -13.62 -18.04
CA VAL A 169 8.05 -13.09 -19.29
C VAL A 169 7.06 -13.20 -20.47
N LYS A 170 5.77 -13.39 -20.17
CA LYS A 170 4.73 -13.29 -21.19
C LYS A 170 3.71 -12.23 -20.76
N ALA A 171 2.93 -11.70 -21.71
CA ALA A 171 1.96 -10.63 -21.38
C ALA A 171 1.00 -10.95 -20.25
N PRO A 172 0.71 -9.96 -19.36
CA PRO A 172 -0.33 -10.19 -18.37
C PRO A 172 -1.63 -10.61 -19.09
N PRO A 173 -2.42 -11.49 -18.46
CA PRO A 173 -3.66 -12.00 -19.10
C PRO A 173 -4.72 -10.92 -19.27
N LYS A 174 -5.66 -11.16 -20.18
CA LYS A 174 -6.75 -10.25 -20.50
C LYS A 174 -8.08 -11.00 -20.49
N GLY A 175 -9.17 -10.27 -20.70
CA GLY A 175 -10.51 -10.89 -20.72
C GLY A 175 -11.01 -11.25 -19.33
N ILE A 176 -10.45 -10.61 -18.31
CA ILE A 176 -10.94 -10.80 -16.96
C ILE A 176 -11.46 -9.50 -16.35
N LYS A 177 -12.16 -9.62 -15.23
CA LYS A 177 -12.70 -8.47 -14.52
C LYS A 177 -11.89 -8.25 -13.25
N ILE A 178 -11.57 -7.00 -12.98
CA ILE A 178 -10.80 -6.60 -11.81
C ILE A 178 -11.73 -6.60 -10.58
N TYR A 179 -11.32 -7.26 -9.50
CA TYR A 179 -12.07 -7.14 -8.24
C TYR A 179 -11.30 -6.38 -7.15
N ASP A 180 -9.97 -6.29 -7.28
CA ASP A 180 -9.17 -5.62 -6.25
C ASP A 180 -9.14 -4.12 -6.50
N ASP A 181 -9.15 -3.31 -5.42
CA ASP A 181 -8.91 -1.85 -5.60
C ASP A 181 -7.48 -1.64 -6.12
N THR A 182 -7.30 -0.73 -7.07
CA THR A 182 -5.95 -0.37 -7.51
C THR A 182 -5.43 0.84 -6.72
N TRP A 183 -4.39 0.59 -5.93
CA TRP A 183 -3.71 1.63 -5.16
C TRP A 183 -2.35 1.99 -5.80
N LEU A 184 -2.20 3.27 -6.12
CA LEU A 184 -0.95 3.83 -6.65
C LEU A 184 -0.02 4.29 -5.52
N ASP A 185 1.26 3.88 -5.55
CA ASP A 185 2.23 4.43 -4.58
C ASP A 185 2.84 5.70 -5.16
N LEU A 186 3.05 6.73 -4.33
CA LEU A 186 3.70 7.95 -4.77
C LEU A 186 4.21 8.72 -3.55
N LYS A 187 4.75 9.89 -3.80
CA LYS A 187 5.24 10.72 -2.67
C LYS A 187 4.79 12.16 -2.81
N TYR A 188 4.77 12.86 -1.68
CA TYR A 188 4.42 14.27 -1.61
C TYR A 188 5.05 15.08 -2.77
N ARG A 189 4.17 15.81 -3.46
CA ARG A 189 4.49 16.69 -4.59
C ARG A 189 5.04 15.98 -5.86
N ASP A 190 4.92 14.65 -5.95
CA ASP A 190 5.09 13.94 -7.26
C ASP A 190 4.05 14.52 -8.25
N PRO A 191 4.31 14.40 -9.56
CA PRO A 191 3.30 14.86 -10.55
C PRO A 191 1.91 14.24 -10.30
N PHE A 192 0.86 15.05 -10.40
CA PHE A 192 -0.51 14.52 -10.13
C PHE A 192 -0.95 13.47 -11.20
N PRO A 193 -1.33 12.24 -10.74
CA PRO A 193 -1.66 11.11 -11.64
C PRO A 193 -3.07 11.17 -12.29
N ALA A 194 -3.41 12.34 -12.84
CA ALA A 194 -4.72 12.54 -13.48
C ALA A 194 -5.09 11.44 -14.52
N ALA A 195 -4.10 11.03 -15.34
CA ALA A 195 -4.32 10.00 -16.38
C ALA A 195 -4.74 8.62 -15.83
N ARG A 196 -4.47 8.39 -14.54
CA ARG A 196 -4.83 7.13 -13.87
C ARG A 196 -6.28 7.12 -13.34
N ASN A 197 -7.01 8.24 -13.47
CA ASN A 197 -8.40 8.38 -13.02
C ASN A 197 -8.58 8.16 -11.49
N PRO A 198 -7.95 9.05 -10.70
CA PRO A 198 -8.13 8.98 -9.25
C PRO A 198 -9.60 9.23 -8.85
N ILE A 199 -10.02 8.62 -7.75
CA ILE A 199 -11.42 8.64 -7.31
C ILE A 199 -11.72 9.90 -6.49
N ALA A 200 -12.66 10.70 -7.01
CA ALA A 200 -13.05 11.98 -6.37
C ALA A 200 -14.21 11.83 -5.37
N ALA A 201 -14.06 12.49 -4.23
CA ALA A 201 -15.12 12.56 -3.22
C ALA A 201 -16.48 12.94 -3.86
N GLY A 202 -17.48 12.09 -3.63
CA GLY A 202 -18.85 12.40 -4.09
C GLY A 202 -19.01 12.30 -5.60
N GLY A 203 -17.91 11.96 -6.30
CA GLY A 203 -17.90 11.97 -7.77
C GLY A 203 -18.19 13.35 -8.38
N ARG A 204 -17.88 14.42 -7.64
CA ARG A 204 -18.12 15.79 -8.09
C ARG A 204 -17.19 16.76 -7.38
N LYS A 205 -17.09 18.00 -7.87
CA LYS A 205 -16.36 19.04 -7.11
C LYS A 205 -17.03 19.27 -5.76
N VAL A 206 -16.22 19.51 -4.73
CA VAL A 206 -16.75 19.86 -3.40
C VAL A 206 -16.59 21.35 -3.05
N LYS A 207 -17.35 21.81 -2.06
CA LYS A 207 -17.30 23.22 -1.58
C LYS A 207 -16.13 23.33 -0.60
N SER A 208 -14.96 23.67 -1.11
CA SER A 208 -13.78 23.41 -0.31
C SER A 208 -13.33 24.56 0.61
N ASP A 209 -12.43 24.20 1.52
CA ASP A 209 -11.89 25.09 2.55
C ASP A 209 -11.20 26.34 1.98
N ASP A 210 -10.61 26.23 0.79
CA ASP A 210 -9.95 27.41 0.18
C ASP A 210 -10.90 28.35 -0.58
N GLY A 211 -12.21 28.08 -0.50
CA GLY A 211 -13.24 28.98 -1.10
C GLY A 211 -13.55 28.68 -2.56
N THR A 212 -12.95 27.63 -3.10
CA THR A 212 -13.19 27.20 -4.49
C THR A 212 -13.95 25.87 -4.56
N GLU A 213 -14.65 25.62 -5.68
CA GLU A 213 -15.20 24.28 -5.97
C GLU A 213 -14.03 23.50 -6.56
N MET A 214 -13.66 22.38 -5.94
CA MET A 214 -12.53 21.60 -6.48
C MET A 214 -12.74 20.12 -6.20
N PHE A 215 -12.21 19.28 -7.09
CA PHE A 215 -12.17 17.83 -6.82
C PHE A 215 -11.16 17.56 -5.68
N GLN A 216 -11.52 16.64 -4.80
CA GLN A 216 -10.60 16.13 -3.77
C GLN A 216 -10.61 14.61 -3.87
N TYR A 217 -9.41 14.04 -3.97
CA TYR A 217 -9.20 12.61 -4.29
C TYR A 217 -8.76 11.74 -3.12
N VAL A 218 -9.20 10.48 -3.14
CA VAL A 218 -9.01 9.57 -2.02
C VAL A 218 -7.53 9.16 -1.91
N ALA A 219 -6.97 9.44 -0.73
CA ALA A 219 -5.57 9.09 -0.39
C ALA A 219 -5.49 8.34 0.93
N LEU A 220 -4.41 7.57 1.09
CA LEU A 220 -4.20 6.76 2.31
C LEU A 220 -2.78 6.99 2.80
N TRP A 221 -2.66 7.25 4.10
CA TRP A 221 -1.37 7.39 4.83
C TRP A 221 -1.34 6.44 6.04
N TYR A 222 -0.16 6.35 6.67
CA TYR A 222 0.02 5.57 7.90
C TYR A 222 0.73 6.46 8.89
N GLU A 223 0.14 6.62 10.05
CA GLU A 223 0.82 7.39 11.10
C GLU A 223 0.71 6.73 12.47
N HIS A 224 1.85 6.67 13.16
CA HIS A 224 1.97 5.87 14.40
C HIS A 224 1.28 4.53 14.27
N GLY A 225 1.49 3.86 13.14
CA GLY A 225 0.99 2.49 12.92
C GLY A 225 -0.45 2.35 12.48
N GLN A 226 -1.15 3.47 12.31
CA GLN A 226 -2.61 3.47 12.06
C GLN A 226 -2.89 3.96 10.62
N PRO A 227 -3.77 3.25 9.88
CA PRO A 227 -4.12 3.77 8.55
C PRO A 227 -5.05 4.99 8.70
N VAL A 228 -4.82 6.02 7.89
CA VAL A 228 -5.62 7.23 7.86
C VAL A 228 -5.97 7.64 6.42
N PHE A 229 -7.26 7.65 6.10
CA PHE A 229 -7.66 8.24 4.81
C PHE A 229 -7.66 9.76 4.88
N GLY A 230 -7.21 10.35 3.79
CA GLY A 230 -7.18 11.81 3.64
C GLY A 230 -7.43 12.19 2.21
N ARG A 231 -6.91 13.34 1.81
CA ARG A 231 -7.18 13.80 0.46
C ARG A 231 -5.92 14.21 -0.29
N ALA A 232 -6.03 14.12 -1.60
CA ALA A 232 -4.97 14.54 -2.50
C ALA A 232 -5.56 15.33 -3.69
N TYR A 233 -4.78 16.25 -4.22
CA TYR A 233 -5.25 17.13 -5.29
C TYR A 233 -4.07 17.87 -5.92
N PRO A 234 -4.24 18.27 -7.19
CA PRO A 234 -3.16 18.98 -7.89
C PRO A 234 -3.09 20.47 -7.50
N ASP A 235 -1.87 20.99 -7.34
CA ASP A 235 -1.74 22.45 -7.25
C ASP A 235 -1.70 23.05 -8.66
N SER A 236 -1.49 24.36 -8.73
CA SER A 236 -1.43 25.06 -10.02
C SER A 236 -0.28 24.56 -10.92
N ALA A 237 0.71 23.90 -10.31
CA ALA A 237 1.83 23.31 -11.05
C ALA A 237 1.66 21.81 -11.40
N ASP A 238 0.47 21.28 -11.12
CA ASP A 238 0.16 19.85 -11.36
C ASP A 238 1.02 18.92 -10.53
N LYS A 239 1.50 19.43 -9.40
CA LYS A 239 2.13 18.59 -8.38
C LYS A 239 1.10 18.16 -7.34
N THR A 240 1.36 17.04 -6.67
CA THR A 240 0.34 16.44 -5.82
C THR A 240 0.41 16.97 -4.39
N LEU A 241 -0.59 17.73 -3.97
CA LEU A 241 -0.68 18.09 -2.54
C LEU A 241 -1.52 17.02 -1.82
N ALA A 242 -1.33 16.91 -0.52
CA ALA A 242 -2.12 15.98 0.31
C ALA A 242 -2.33 16.47 1.73
N ASN A 243 -3.34 15.93 2.39
CA ASN A 243 -3.80 16.40 3.69
C ASN A 243 -4.52 15.32 4.46
N PHE A 244 -3.92 14.96 5.60
CA PHE A 244 -4.44 13.93 6.51
C PHE A 244 -4.70 14.49 7.91
N GLY A 245 -5.89 14.21 8.45
CA GLY A 245 -6.27 14.67 9.79
C GLY A 245 -6.51 13.47 10.66
N TRP A 246 -5.85 13.43 11.83
CA TRP A 246 -5.98 12.30 12.76
C TRP A 246 -5.36 12.65 14.12
N GLY A 247 -5.99 12.17 15.18
CA GLY A 247 -5.43 12.26 16.56
C GLY A 247 -5.09 13.69 16.97
N GLY A 248 -5.94 14.62 16.55
CA GLY A 248 -5.80 16.04 16.89
C GLY A 248 -4.91 16.90 15.99
N GLN A 249 -4.30 16.26 14.99
CA GLN A 249 -3.29 16.88 14.12
C GLN A 249 -3.70 16.97 12.66
N GLU A 250 -3.15 17.95 11.95
CA GLU A 250 -3.18 18.03 10.49
C GLU A 250 -1.78 17.76 9.95
N ASN A 251 -1.68 16.87 8.97
CA ASN A 251 -0.42 16.69 8.23
C ASN A 251 -0.66 17.02 6.77
N ALA A 252 -0.02 18.11 6.32
CA ALA A 252 -0.23 18.65 4.98
C ALA A 252 1.07 19.10 4.28
N GLY A 253 2.20 18.76 4.88
CA GLY A 253 3.48 19.23 4.38
C GLY A 253 4.39 18.10 3.93
N ALA A 254 5.66 18.44 3.70
CA ALA A 254 6.66 17.50 3.14
C ALA A 254 6.99 16.30 4.05
N GLU A 255 6.61 16.36 5.33
CA GLU A 255 6.72 15.22 6.23
C GLU A 255 5.86 14.00 5.78
N ILE A 256 4.89 14.25 4.91
CA ILE A 256 4.01 13.18 4.43
C ILE A 256 4.82 12.10 3.69
N GLY A 257 5.83 12.50 2.93
CA GLY A 257 6.70 11.49 2.24
C GLY A 257 5.84 10.54 1.39
N SER A 258 6.06 9.22 1.57
CA SER A 258 5.28 8.23 0.81
C SER A 258 3.82 8.11 1.24
N PHE A 259 2.94 7.98 0.23
CA PHE A 259 1.51 7.71 0.50
C PHE A 259 0.87 6.97 -0.68
N GLN A 260 -0.44 6.71 -0.60
CA GLN A 260 -1.11 5.98 -1.69
C GLN A 260 -2.37 6.72 -2.18
N MET A 261 -2.74 6.49 -3.43
CA MET A 261 -3.96 7.07 -4.00
C MET A 261 -4.79 5.97 -4.68
N LEU A 262 -6.10 6.06 -4.51
CA LEU A 262 -7.02 5.10 -5.14
C LEU A 262 -7.28 5.54 -6.57
N VAL A 263 -7.04 4.64 -7.53
CA VAL A 263 -7.17 4.99 -8.97
C VAL A 263 -7.96 3.92 -9.71
N VAL A 264 -8.55 4.28 -10.86
CA VAL A 264 -9.26 3.32 -11.74
C VAL A 264 -8.79 3.54 -13.19
N PRO A 265 -7.63 2.96 -13.53
CA PRO A 265 -6.99 3.25 -14.82
C PRO A 265 -7.80 2.77 -16.02
N ASP A 266 -8.53 1.67 -15.84
CA ASP A 266 -9.45 1.18 -16.88
C ASP A 266 -10.84 0.90 -16.32
N PRO A 267 -11.74 1.88 -16.49
CA PRO A 267 -13.07 1.84 -15.86
C PRO A 267 -13.96 0.73 -16.42
N ASP A 268 -13.56 0.17 -17.56
CA ASP A 268 -14.42 -0.74 -18.31
C ASP A 268 -14.32 -2.22 -17.91
N ILE A 269 -13.33 -2.56 -17.11
CA ILE A 269 -13.11 -3.97 -16.73
C ILE A 269 -13.33 -4.27 -15.24
N LEU A 270 -13.93 -3.35 -14.50
CA LEU A 270 -14.18 -3.59 -13.08
C LEU A 270 -15.32 -4.59 -12.90
N GLY A 271 -15.14 -5.51 -11.95
CA GLY A 271 -16.18 -6.48 -11.53
C GLY A 271 -17.05 -6.02 -10.36
N PHE A 272 -17.06 -4.70 -10.11
CA PHE A 272 -17.79 -4.04 -9.00
C PHE A 272 -17.94 -2.55 -9.36
N GLU A 273 -18.66 -1.78 -8.55
CA GLU A 273 -18.67 -0.32 -8.71
C GLU A 273 -18.51 0.35 -7.35
N TYR A 274 -18.05 1.59 -7.39
CA TYR A 274 -17.91 2.44 -6.23
C TYR A 274 -19.18 3.29 -6.13
N LYS A 275 -19.60 3.58 -4.91
CA LYS A 275 -20.72 4.51 -4.71
C LYS A 275 -20.47 5.28 -3.41
N TRP A 276 -20.74 6.59 -3.42
CA TRP A 276 -20.67 7.39 -2.18
C TRP A 276 -22.05 7.39 -1.54
N ILE A 277 -22.11 6.93 -0.29
CA ILE A 277 -23.39 6.68 0.43
C ILE A 277 -23.30 7.19 1.87
N PRO A 278 -24.38 7.85 2.38
CA PRO A 278 -24.36 8.28 3.77
C PRO A 278 -24.04 7.10 4.71
N TYR A 279 -23.15 7.37 5.64
CA TYR A 279 -22.66 6.33 6.54
C TYR A 279 -23.78 5.52 7.24
N LYS A 280 -24.83 6.19 7.73
CA LYS A 280 -25.94 5.46 8.39
C LYS A 280 -26.58 4.41 7.45
N GLU A 281 -26.69 4.75 6.17
CA GLU A 281 -27.22 3.83 5.15
C GLU A 281 -26.22 2.74 4.78
N ALA A 282 -24.95 3.12 4.66
CA ALA A 282 -23.85 2.23 4.27
C ALA A 282 -23.67 1.08 5.25
N LYS A 283 -23.90 1.36 6.51
CA LYS A 283 -23.74 0.35 7.57
C LYS A 283 -24.99 -0.52 7.70
N ALA A 284 -26.10 -0.07 7.11
CA ALA A 284 -27.39 -0.75 7.25
C ALA A 284 -27.56 -2.02 6.38
N GLY A 285 -26.52 -2.34 5.60
CA GLY A 285 -26.47 -3.62 4.88
C GLY A 285 -26.74 -3.53 3.39
N GLY A 286 -26.89 -4.70 2.77
CA GLY A 286 -27.05 -4.79 1.33
C GLY A 286 -25.68 -4.85 0.69
N PRO A 287 -25.62 -4.99 -0.66
CA PRO A 287 -24.40 -5.22 -1.44
C PRO A 287 -23.30 -4.18 -1.25
N PHE A 288 -23.66 -2.92 -1.07
CA PHE A 288 -22.68 -1.85 -0.95
C PHE A 288 -22.29 -1.69 0.50
N LYS A 289 -21.00 -1.91 0.75
CA LYS A 289 -20.44 -1.75 2.10
C LYS A 289 -19.25 -0.79 2.04
N PRO A 290 -18.92 -0.14 3.17
CA PRO A 290 -17.78 0.79 3.14
C PRO A 290 -16.50 0.11 2.70
N LEU A 291 -15.74 0.79 1.85
CA LEU A 291 -14.37 0.33 1.55
C LEU A 291 -13.59 0.61 2.83
N HIS A 292 -12.77 -0.34 3.26
CA HIS A 292 -12.05 -0.12 4.52
C HIS A 292 -10.62 -0.67 4.51
N VAL A 293 -9.77 0.02 5.27
CA VAL A 293 -8.41 -0.42 5.60
C VAL A 293 -8.39 -0.35 7.12
N GLY A 294 -8.23 -1.49 7.78
CA GLY A 294 -8.46 -1.57 9.23
C GLY A 294 -9.88 -1.14 9.57
N GLU A 295 -10.05 -0.34 10.62
CA GLU A 295 -11.37 0.18 11.02
C GLU A 295 -11.78 1.43 10.22
N CYS A 296 -10.95 1.87 9.28
CA CYS A 296 -11.18 3.19 8.64
C CYS A 296 -11.83 3.11 7.25
N THR A 297 -12.61 4.14 6.89
CA THR A 297 -13.20 4.28 5.53
C THR A 297 -13.10 5.76 5.05
N PRO A 298 -12.93 6.01 3.73
CA PRO A 298 -12.91 7.40 3.24
C PRO A 298 -14.25 8.11 3.53
N CYS A 299 -14.19 9.38 3.94
CA CYS A 299 -15.36 10.08 4.46
C CYS A 299 -15.32 11.54 4.12
N LEU A 300 -16.41 12.03 3.49
CA LEU A 300 -16.53 13.45 3.18
C LEU A 300 -17.26 14.17 4.34
N LEU A 301 -16.51 14.92 5.15
CA LEU A 301 -17.12 15.71 6.24
C LEU A 301 -17.77 16.94 5.66
N LYS A 302 -18.86 17.38 6.30
CA LYS A 302 -19.57 18.57 5.83
C LYS A 302 -19.96 19.47 6.99
N ASP A 303 -19.63 20.76 6.90
CA ASP A 303 -19.95 21.74 7.95
C ASP A 303 -21.41 22.20 7.83
N ALA A 304 -21.93 22.85 8.88
CA ALA A 304 -23.29 23.43 8.87
C ALA A 304 -23.55 24.36 7.67
N ASN A 305 -22.54 25.11 7.25
CA ASN A 305 -22.64 26.01 6.07
C ASN A 305 -22.37 25.35 4.69
N GLY A 306 -22.23 24.03 4.66
CA GLY A 306 -22.08 23.33 3.40
C GLY A 306 -20.65 23.05 2.99
N THR A 307 -19.68 23.68 3.67
CA THR A 307 -18.25 23.48 3.36
C THR A 307 -17.86 22.02 3.62
N GLU A 308 -17.06 21.44 2.72
CA GLU A 308 -16.79 20.01 2.72
C GLU A 308 -15.27 19.77 2.73
N ARG A 309 -14.87 18.67 3.34
CA ARG A 309 -13.47 18.23 3.30
C ARG A 309 -13.34 16.70 3.37
N LEU A 310 -12.52 16.15 2.49
CA LEU A 310 -12.35 14.69 2.38
C LEU A 310 -11.35 14.20 3.39
N GLY A 311 -11.77 13.22 4.19
CA GLY A 311 -10.96 12.71 5.31
C GLY A 311 -11.23 11.24 5.58
N ASN A 312 -11.27 10.92 6.87
CA ASN A 312 -11.29 9.55 7.40
C ASN A 312 -12.46 9.37 8.36
N LEU A 313 -13.14 8.21 8.33
CA LEU A 313 -14.05 7.82 9.41
C LEU A 313 -13.53 6.54 10.03
N HIS A 314 -13.16 6.61 11.31
CA HIS A 314 -12.83 5.39 12.08
C HIS A 314 -14.12 4.75 12.60
N MET A 315 -14.47 3.58 12.08
CA MET A 315 -15.78 2.96 12.35
C MET A 315 -15.90 2.37 13.74
N GLY A 316 -14.75 2.11 14.38
CA GLY A 316 -14.79 1.59 15.75
C GLY A 316 -15.17 2.68 16.75
N MET A 317 -14.60 3.87 16.55
CA MET A 317 -14.90 5.07 17.37
C MET A 317 -16.13 5.80 16.85
N GLU A 318 -16.47 5.57 15.57
CA GLU A 318 -17.40 6.42 14.81
C GLU A 318 -17.05 7.91 15.02
N LYS A 319 -15.82 8.22 14.65
CA LYS A 319 -15.28 9.57 14.69
C LYS A 319 -14.65 9.84 13.31
N ALA A 320 -15.09 10.96 12.75
CA ALA A 320 -14.62 11.45 11.43
C ALA A 320 -13.59 12.57 11.67
N THR A 321 -12.50 12.55 10.90
CA THR A 321 -11.41 13.53 11.00
C THR A 321 -10.88 13.91 9.60
N ALA A 322 -10.38 15.14 9.47
CA ALA A 322 -9.77 15.64 8.22
C ALA A 322 -8.93 16.85 8.59
N GLY A 323 -7.87 17.11 7.83
CA GLY A 323 -6.97 18.24 8.17
C GLY A 323 -7.68 19.57 8.00
N LEU A 324 -7.64 20.40 9.05
CA LEU A 324 -8.12 21.80 8.93
C LEU A 324 -7.49 22.68 10.03
N ALA A 325 -6.81 23.74 9.60
CA ALA A 325 -6.26 24.76 10.52
C ALA A 325 -5.43 24.16 11.68
N GLY A 326 -4.55 23.20 11.36
CA GLY A 326 -3.66 22.60 12.35
C GLY A 326 -4.28 21.54 13.26
N LYS A 327 -5.58 21.31 13.11
CA LYS A 327 -6.26 20.24 13.86
C LYS A 327 -6.96 19.26 12.91
N ASP A 328 -7.82 18.38 13.45
CA ASP A 328 -8.32 17.27 12.65
C ASP A 328 -9.84 17.34 12.41
N SER A 329 -10.44 18.51 12.58
CA SER A 329 -11.89 18.67 12.31
C SER A 329 -12.79 17.55 12.92
N ALA A 330 -12.44 17.05 14.12
CA ALA A 330 -13.12 15.85 14.67
C ALA A 330 -14.61 15.99 14.89
N VAL A 331 -15.36 15.02 14.38
CA VAL A 331 -16.82 14.93 14.57
C VAL A 331 -17.16 13.51 15.03
N SER A 332 -18.00 13.39 16.05
CA SER A 332 -18.53 12.07 16.50
C SER A 332 -20.02 12.15 16.84
N GLY A 333 -20.60 11.02 17.21
CA GLY A 333 -22.00 10.94 17.56
C GLY A 333 -22.82 10.83 16.28
N PRO A 334 -24.15 11.05 16.36
CA PRO A 334 -25.01 10.81 15.19
C PRO A 334 -24.72 11.69 13.96
N ALA A 335 -23.98 12.80 14.12
CA ALA A 335 -23.67 13.67 12.97
C ALA A 335 -22.91 12.92 11.89
N VAL A 336 -22.08 11.96 12.27
CA VAL A 336 -21.29 11.21 11.26
C VAL A 336 -22.18 10.36 10.32
N GLY A 337 -23.41 10.06 10.76
CA GLY A 337 -24.32 9.19 10.04
C GLY A 337 -24.71 9.80 8.70
N ASP A 338 -24.65 11.13 8.62
CA ASP A 338 -25.04 11.83 7.42
C ASP A 338 -23.91 12.15 6.46
N PHE A 339 -22.66 11.85 6.87
CA PHE A 339 -21.51 12.05 6.01
C PHE A 339 -21.37 10.92 4.96
N LEU A 340 -21.12 11.29 3.70
CA LEU A 340 -20.84 10.30 2.65
C LEU A 340 -19.55 9.51 2.94
N VAL A 341 -19.62 8.19 2.77
CA VAL A 341 -18.42 7.34 2.80
C VAL A 341 -18.28 6.57 1.46
N LEU A 342 -17.05 6.21 1.12
CA LEU A 342 -16.83 5.43 -0.10
C LEU A 342 -17.18 3.96 0.15
N CYS A 343 -18.16 3.49 -0.63
CA CYS A 343 -18.62 2.10 -0.60
C CYS A 343 -18.37 1.39 -1.96
N ARG A 344 -18.40 0.06 -1.93
CA ARG A 344 -18.36 -0.78 -3.16
C ARG A 344 -18.99 -2.16 -2.90
#